data_7YF3
#
_entry.id   7YF3
#
_cell.length_a   141.892
_cell.length_b   43.547
_cell.length_c   106.492
_cell.angle_alpha   90.000
_cell.angle_beta   123.700
_cell.angle_gamma   90.000
#
_symmetry.space_group_name_H-M   'C 1 2 1'
#
loop_
_entity.id
_entity.type
_entity.pdbx_description
1 polymer 'Protein-L-histidine N-pros-methyltransferase'
2 polymer 'S100A9 peptide'
3 non-polymer S-ADENOSYL-L-HOMOCYSTEINE
#
loop_
_entity_poly.entity_id
_entity_poly.type
_entity_poly.pdbx_seq_one_letter_code
_entity_poly.pdbx_strand_id
1 'polypeptide(L)'
;HMAAGGRKENHQWYVCNREKLCESLQAVFVQSYLDQGTQIFLNNSIEKSGWAAIQAYHSAVSSAFSLAMSRTSINGLLGR
GSMFVFSPDQFQRLLKINPDWKTHRLLDLGAGDGEVTKIMSPHFEEIYATELSETMIWQLQKKKYRVLGINEWQNTGFQY
DVISCLNLLDRCDQPLTLLKDIRSVLEPTRGRVILALVLPFHPYVENVGGKWEKPSEILEIKGQNWEEQVNSLPEVFRKA
GFVIEAFTRLPYLCEGDMYNDYYVLDDAVFVLKPV
;
A,B
2 'polypeptide(L)' RGHGHSHGKGS C,D
#
# COMPACT_ATOMS: atom_id res chain seq x y z
N GLN A 12 -11.49 -4.37 22.02
CA GLN A 12 -10.71 -4.63 23.22
C GLN A 12 -9.26 -4.89 22.88
N TRP A 13 -9.02 -5.89 22.02
CA TRP A 13 -7.67 -6.20 21.58
C TRP A 13 -7.22 -5.34 20.42
N TYR A 14 -8.15 -4.67 19.75
CA TYR A 14 -7.90 -4.07 18.45
C TYR A 14 -7.88 -2.54 18.46
N VAL A 15 -8.07 -1.91 19.62
CA VAL A 15 -8.24 -0.47 19.67
C VAL A 15 -7.13 0.14 20.52
N CYS A 16 -6.92 1.44 20.31
CA CYS A 16 -5.94 2.20 21.06
C CYS A 16 -6.34 3.66 21.04
N ASN A 17 -5.81 4.42 21.99
CA ASN A 17 -6.02 5.86 22.04
C ASN A 17 -5.22 6.50 20.92
N ARG A 18 -5.87 6.74 19.78
CA ARG A 18 -5.18 7.28 18.61
C ARG A 18 -4.54 8.63 18.88
N GLU A 19 -4.95 9.32 19.94
CA GLU A 19 -4.29 10.57 20.30
C GLU A 19 -2.91 10.32 20.91
N LYS A 20 -2.76 9.24 21.68
CA LYS A 20 -1.49 8.96 22.35
C LYS A 20 -0.37 8.60 21.37
N LEU A 21 -0.71 8.17 20.16
CA LEU A 21 0.30 7.81 19.17
C LEU A 21 1.06 9.05 18.69
N CYS A 22 2.24 8.81 18.13
CA CYS A 22 2.97 9.88 17.48
C CYS A 22 2.23 10.33 16.24
N GLU A 23 2.38 11.62 15.91
CA GLU A 23 1.60 12.20 14.81
C GLU A 23 1.86 11.48 13.49
N SER A 24 3.09 11.03 13.26
CA SER A 24 3.39 10.30 12.04
C SER A 24 2.89 8.86 12.11
N LEU A 25 2.79 8.29 13.32
CA LEU A 25 2.19 6.98 13.48
C LEU A 25 0.67 7.04 13.34
N GLN A 26 0.07 8.18 13.67
CA GLN A 26 -1.37 8.35 13.50
C GLN A 26 -1.79 8.19 12.05
N ALA A 27 -0.89 8.47 11.11
CA ALA A 27 -1.19 8.43 9.70
C ALA A 27 -0.94 7.06 9.06
N VAL A 28 -0.25 6.16 9.76
CA VAL A 28 0.05 4.83 9.22
C VAL A 28 -0.70 3.72 9.94
N PHE A 29 -1.42 4.03 11.02
CA PHE A 29 -2.16 3.00 11.74
C PHE A 29 -3.29 2.43 10.89
N VAL A 30 -3.60 1.17 11.14
CA VAL A 30 -4.69 0.48 10.46
C VAL A 30 -5.56 -0.16 11.54
N GLN A 31 -6.89 -0.03 11.40
CA GLN A 31 -7.83 -0.56 12.37
C GLN A 31 -8.19 -1.99 12.01
N SER A 32 -8.10 -2.89 12.98
CA SER A 32 -8.49 -4.28 12.83
C SER A 32 -9.74 -4.56 13.66
N TYR A 33 -10.43 -5.65 13.31
CA TYR A 33 -11.66 -6.03 13.98
C TYR A 33 -11.67 -7.54 14.18
N LEU A 34 -12.52 -7.99 15.10
CA LEU A 34 -12.70 -9.41 15.35
C LEU A 34 -13.51 -10.01 14.21
N ASP A 35 -12.83 -10.40 13.13
CA ASP A 35 -13.49 -10.80 11.89
C ASP A 35 -13.74 -12.30 11.87
N GLN A 36 -14.08 -12.81 10.68
CA GLN A 36 -14.39 -14.22 10.48
C GLN A 36 -13.24 -15.12 10.93
N GLY A 37 -12.08 -14.98 10.28
CA GLY A 37 -10.97 -15.88 10.52
C GLY A 37 -10.57 -15.98 11.98
N THR A 38 -10.61 -14.85 12.69
CA THR A 38 -10.31 -14.87 14.11
C THR A 38 -11.33 -15.71 14.88
N GLN A 39 -12.61 -15.57 14.52
CA GLN A 39 -13.64 -16.39 15.15
C GLN A 39 -13.44 -17.86 14.84
N ILE A 40 -13.08 -18.18 13.59
CA ILE A 40 -12.82 -19.57 13.22
C ILE A 40 -11.73 -20.16 14.11
N PHE A 41 -10.65 -19.41 14.32
CA PHE A 41 -9.59 -19.87 15.21
C PHE A 41 -10.10 -20.00 16.64
N LEU A 42 -10.76 -18.96 17.14
CA LEU A 42 -11.32 -19.00 18.49
C LEU A 42 -12.28 -20.18 18.65
N ASN A 43 -13.19 -20.36 17.70
CA ASN A 43 -14.15 -21.45 17.79
C ASN A 43 -13.48 -22.81 17.63
N ASN A 44 -12.42 -22.89 16.83
CA ASN A 44 -11.65 -24.13 16.76
C ASN A 44 -10.95 -24.41 18.09
N SER A 45 -10.39 -23.37 18.71
CA SER A 45 -9.69 -23.55 19.99
C SER A 45 -10.65 -24.01 21.08
N ILE A 46 -11.84 -23.40 21.14
CA ILE A 46 -12.82 -23.80 22.15
C ILE A 46 -13.22 -25.25 21.95
N GLU A 47 -13.28 -25.70 20.69
CA GLU A 47 -13.58 -27.10 20.42
C GLU A 47 -12.43 -28.00 20.87
N LYS A 48 -11.19 -27.60 20.59
CA LYS A 48 -10.05 -28.43 20.96
C LYS A 48 -9.94 -28.57 22.48
N SER A 49 -10.15 -27.47 23.21
CA SER A 49 -10.13 -27.56 24.67
C SER A 49 -11.27 -28.43 25.19
N GLY A 50 -12.41 -28.44 24.49
CA GLY A 50 -13.51 -29.30 24.91
C GLY A 50 -13.15 -30.76 24.94
N TRP A 51 -12.25 -31.20 24.06
CA TRP A 51 -11.76 -32.57 24.06
C TRP A 51 -10.84 -32.73 25.27
N ALA A 52 -11.38 -33.29 26.35
CA ALA A 52 -10.59 -33.42 27.57
C ALA A 52 -9.55 -34.52 27.45
N ALA A 53 -9.77 -35.50 26.58
CA ALA A 53 -8.80 -36.59 26.42
C ALA A 53 -7.49 -36.08 25.84
N ILE A 54 -7.56 -35.19 24.85
CA ILE A 54 -6.34 -34.64 24.25
C ILE A 54 -5.58 -33.81 25.27
N GLN A 55 -6.28 -32.90 25.97
CA GLN A 55 -5.65 -32.03 26.95
C GLN A 55 -4.89 -32.82 27.99
N ALA A 56 -5.51 -33.90 28.51
CA ALA A 56 -4.82 -34.76 29.47
C ALA A 56 -3.57 -35.37 28.84
N TYR A 57 -3.67 -35.83 27.60
CA TYR A 57 -2.51 -36.42 26.92
C TYR A 57 -1.46 -35.36 26.63
N HIS A 58 -1.88 -34.15 26.23
CA HIS A 58 -0.93 -33.07 26.01
C HIS A 58 -0.27 -32.65 27.33
N SER A 59 -1.08 -32.35 28.35
CA SER A 59 -0.56 -31.93 29.64
C SER A 59 0.20 -33.04 30.36
N ALA A 60 0.19 -34.27 29.83
CA ALA A 60 0.98 -35.35 30.38
C ALA A 60 2.33 -35.49 29.69
N VAL A 61 2.35 -35.41 28.36
CA VAL A 61 3.60 -35.54 27.63
C VAL A 61 4.52 -34.35 27.90
N SER A 62 3.96 -33.14 27.91
CA SER A 62 4.76 -31.95 28.18
C SER A 62 5.34 -32.00 29.58
N SER A 63 4.61 -32.55 30.54
CA SER A 63 5.07 -32.57 31.93
C SER A 63 6.25 -33.52 32.10
N ALA A 64 6.24 -34.65 31.39
CA ALA A 64 7.28 -35.65 31.58
C ALA A 64 8.59 -35.26 30.89
N PHE A 65 8.50 -34.59 29.74
CA PHE A 65 9.68 -34.23 28.96
C PHE A 65 10.03 -32.75 29.05
N SER A 66 9.43 -32.02 29.99
CA SER A 66 9.71 -30.59 30.12
C SER A 66 11.16 -30.33 30.50
N LEU A 67 11.79 -31.27 31.22
CA LEU A 67 13.17 -31.06 31.64
C LEU A 67 14.15 -31.23 30.51
N ALA A 68 13.81 -32.06 29.51
CA ALA A 68 14.75 -32.41 28.45
C ALA A 68 14.52 -31.65 27.16
N MET A 69 13.44 -30.87 27.06
CA MET A 69 13.17 -30.08 25.87
C MET A 69 12.61 -28.73 26.27
N SER A 70 12.41 -27.88 25.28
CA SER A 70 11.85 -26.55 25.52
C SER A 70 10.33 -26.60 25.37
N ARG A 71 9.67 -25.59 25.96
CA ARG A 71 8.23 -25.48 25.84
C ARG A 71 7.81 -25.37 24.37
N THR A 72 8.64 -24.76 23.53
CA THR A 72 8.34 -24.66 22.11
C THR A 72 8.50 -26.02 21.43
N SER A 73 9.62 -26.70 21.67
CA SER A 73 9.88 -27.97 21.00
C SER A 73 8.83 -29.02 21.35
N ILE A 74 8.34 -29.00 22.58
CA ILE A 74 7.31 -29.95 22.98
C ILE A 74 6.00 -29.66 22.26
N ASN A 75 5.67 -28.37 22.09
CA ASN A 75 4.48 -28.01 21.35
C ASN A 75 4.52 -28.54 19.91
N GLY A 76 5.61 -28.25 19.20
CA GLY A 76 5.76 -28.77 17.86
C GLY A 76 5.84 -30.28 17.81
N LEU A 77 6.41 -30.90 18.85
CA LEU A 77 6.40 -32.35 18.96
C LEU A 77 4.97 -32.88 18.98
N LEU A 78 4.07 -32.18 19.67
CA LEU A 78 2.68 -32.57 19.77
C LEU A 78 1.80 -31.90 18.72
N GLY A 79 2.33 -30.91 18.00
CA GLY A 79 1.48 -30.12 17.13
C GLY A 79 0.45 -29.30 17.87
N ARG A 80 0.70 -29.00 19.15
CA ARG A 80 -0.23 -28.27 19.99
C ARG A 80 0.21 -26.81 20.11
N GLY A 81 -0.60 -26.02 20.80
CA GLY A 81 -0.27 -24.63 21.08
C GLY A 81 -0.04 -23.79 19.84
N SER A 82 -0.71 -24.11 18.74
CA SER A 82 -0.61 -23.27 17.55
C SER A 82 -1.14 -21.88 17.85
N MET A 83 -0.58 -20.88 17.17
CA MET A 83 -0.87 -19.49 17.47
C MET A 83 -1.50 -18.81 16.26
N PHE A 84 -2.02 -17.62 16.51
CA PHE A 84 -2.70 -16.82 15.50
C PHE A 84 -2.33 -15.36 15.70
N VAL A 85 -2.07 -14.66 14.60
CA VAL A 85 -1.73 -13.23 14.67
C VAL A 85 -2.74 -12.42 13.87
N PHE A 86 -2.81 -12.68 12.56
CA PHE A 86 -3.71 -11.95 11.68
C PHE A 86 -4.47 -12.92 10.80
N SER A 87 -5.70 -12.53 10.45
CA SER A 87 -6.50 -13.29 9.51
C SER A 87 -6.08 -12.96 8.09
N PRO A 88 -6.46 -13.81 7.11
CA PRO A 88 -6.13 -13.49 5.71
C PRO A 88 -6.56 -12.09 5.28
N ASP A 89 -7.77 -11.67 5.66
CA ASP A 89 -8.21 -10.31 5.34
C ASP A 89 -7.43 -9.29 6.15
N GLN A 90 -7.19 -9.57 7.44
CA GLN A 90 -6.38 -8.67 8.26
C GLN A 90 -4.97 -8.51 7.68
N PHE A 91 -4.43 -9.59 7.11
CA PHE A 91 -3.11 -9.50 6.50
C PHE A 91 -3.16 -8.75 5.18
N GLN A 92 -4.23 -8.92 4.42
CA GLN A 92 -4.39 -8.22 3.15
C GLN A 92 -4.87 -6.79 3.31
N ARG A 93 -5.14 -6.35 4.55
CA ARG A 93 -5.45 -4.95 4.82
C ARG A 93 -4.29 -4.19 5.43
N LEU A 94 -3.39 -4.88 6.14
CA LEU A 94 -2.19 -4.22 6.65
C LEU A 94 -1.16 -4.05 5.55
N LEU A 95 -0.90 -5.11 4.78
CA LEU A 95 -0.03 -5.01 3.61
C LEU A 95 -0.70 -4.30 2.45
N LYS A 96 -2.02 -4.10 2.50
CA LYS A 96 -2.79 -3.46 1.43
C LYS A 96 -2.58 -4.18 0.10
N ILE A 97 -3.02 -5.45 0.07
CA ILE A 97 -2.92 -6.28 -1.11
C ILE A 97 -4.29 -6.92 -1.36
N ASN A 98 -4.55 -7.26 -2.62
CA ASN A 98 -5.81 -7.87 -2.99
C ASN A 98 -5.78 -9.35 -2.64
N PRO A 99 -6.97 -9.98 -2.52
CA PRO A 99 -7.02 -11.40 -2.13
C PRO A 99 -6.20 -12.33 -3.02
N ASP A 100 -5.89 -11.90 -4.23
CA ASP A 100 -5.14 -12.72 -5.18
C ASP A 100 -3.71 -12.22 -5.40
N TRP A 101 -3.23 -11.34 -4.52
CA TRP A 101 -1.88 -10.82 -4.66
C TRP A 101 -0.84 -11.92 -4.47
N LYS A 102 0.27 -11.80 -5.19
CA LYS A 102 1.26 -12.87 -5.20
C LYS A 102 2.61 -12.31 -5.63
N THR A 103 3.66 -12.60 -4.85
CA THR A 103 5.02 -12.29 -5.25
C THR A 103 5.89 -13.54 -5.14
N HIS A 104 7.20 -13.40 -5.27
CA HIS A 104 8.05 -14.57 -5.47
C HIS A 104 8.36 -15.31 -4.16
N ARG A 105 9.05 -14.65 -3.23
CA ARG A 105 9.64 -15.33 -2.09
C ARG A 105 9.17 -14.73 -0.76
N LEU A 106 8.90 -15.62 0.20
CA LEU A 106 8.62 -15.25 1.58
C LEU A 106 9.70 -15.83 2.49
N LEU A 107 10.04 -15.09 3.54
CA LEU A 107 10.93 -15.59 4.59
C LEU A 107 10.27 -15.32 5.94
N ASP A 108 10.00 -16.38 6.68
CA ASP A 108 9.39 -16.29 8.00
C ASP A 108 10.42 -16.75 9.04
N LEU A 109 10.91 -15.80 9.83
CA LEU A 109 11.95 -16.07 10.82
C LEU A 109 11.31 -16.45 12.15
N GLY A 110 11.75 -17.56 12.72
CA GLY A 110 11.15 -18.08 13.94
C GLY A 110 9.68 -18.39 13.73
N ALA A 111 9.37 -19.14 12.67
CA ALA A 111 8.00 -19.31 12.21
C ALA A 111 7.13 -20.14 13.13
N GLY A 112 7.67 -20.67 14.23
CA GLY A 112 6.86 -21.52 15.09
C GLY A 112 6.50 -22.82 14.39
N ASP A 113 5.29 -23.29 14.63
CA ASP A 113 4.81 -24.51 13.98
C ASP A 113 4.24 -24.26 12.58
N GLY A 114 4.24 -23.01 12.11
CA GLY A 114 3.86 -22.70 10.75
C GLY A 114 2.40 -22.36 10.54
N GLU A 115 1.55 -22.54 11.54
CA GLU A 115 0.13 -22.18 11.37
C GLU A 115 -0.07 -20.67 11.25
N VAL A 116 0.97 -19.88 11.50
CA VAL A 116 0.92 -18.45 11.21
C VAL A 116 1.48 -18.17 9.82
N THR A 117 2.52 -18.90 9.42
CA THR A 117 3.06 -18.76 8.06
C THR A 117 2.06 -19.25 7.02
N LYS A 118 1.24 -20.24 7.36
CA LYS A 118 0.28 -20.79 6.42
C LYS A 118 -0.77 -19.77 5.99
N ILE A 119 -0.98 -18.72 6.78
CA ILE A 119 -1.91 -17.66 6.39
C ILE A 119 -1.30 -16.81 5.28
N MET A 120 0.01 -16.54 5.36
CA MET A 120 0.71 -15.75 4.35
C MET A 120 1.13 -16.59 3.15
N SER A 121 1.07 -17.91 3.24
CA SER A 121 1.59 -18.76 2.17
C SER A 121 0.91 -18.58 0.80
N PRO A 122 -0.39 -18.29 0.69
CA PRO A 122 -0.99 -18.17 -0.67
C PRO A 122 -0.40 -17.05 -1.52
N HIS A 123 0.48 -16.21 -0.99
CA HIS A 123 0.98 -15.05 -1.71
C HIS A 123 2.39 -15.23 -2.24
N PHE A 124 2.94 -16.45 -2.17
CA PHE A 124 4.33 -16.66 -2.55
C PHE A 124 4.49 -17.99 -3.27
N GLU A 125 5.40 -18.01 -4.25
CA GLU A 125 5.79 -19.26 -4.88
C GLU A 125 6.78 -20.04 -4.03
N GLU A 126 7.55 -19.35 -3.20
CA GLU A 126 8.57 -19.96 -2.35
C GLU A 126 8.46 -19.41 -0.95
N ILE A 127 8.31 -20.30 0.03
CA ILE A 127 8.31 -19.93 1.44
C ILE A 127 9.60 -20.46 2.06
N TYR A 128 10.23 -19.61 2.88
CA TYR A 128 11.43 -19.99 3.61
C TYR A 128 11.23 -19.67 5.09
N ALA A 129 11.77 -20.53 5.95
CA ALA A 129 11.53 -20.40 7.38
C ALA A 129 12.77 -20.79 8.15
N THR A 130 12.93 -20.18 9.33
CA THR A 130 13.99 -20.53 10.27
C THR A 130 13.35 -20.80 11.62
N GLU A 131 13.98 -21.69 12.39
CA GLU A 131 13.45 -22.07 13.69
C GLU A 131 14.55 -22.70 14.54
N LEU A 132 14.60 -22.32 15.81
CA LEU A 132 15.56 -22.92 16.72
C LEU A 132 15.14 -24.33 17.12
N SER A 133 13.84 -24.55 17.29
CA SER A 133 13.32 -25.83 17.74
C SER A 133 13.42 -26.88 16.65
N GLU A 134 13.84 -28.09 17.03
CA GLU A 134 14.00 -29.16 16.06
C GLU A 134 12.67 -29.75 15.62
N THR A 135 11.66 -29.74 16.50
CA THR A 135 10.35 -30.24 16.11
C THR A 135 9.56 -29.20 15.31
N MET A 136 9.85 -27.91 15.52
CA MET A 136 9.23 -26.89 14.68
C MET A 136 9.75 -26.97 13.25
N ILE A 137 11.03 -27.29 13.09
CA ILE A 137 11.59 -27.51 11.75
C ILE A 137 10.84 -28.64 11.05
N TRP A 138 10.56 -29.72 11.78
CA TRP A 138 9.76 -30.80 11.22
C TRP A 138 8.36 -30.34 10.87
N GLN A 139 7.75 -29.53 11.74
CA GLN A 139 6.43 -28.97 11.45
C GLN A 139 6.48 -28.02 10.25
N LEU A 140 7.59 -27.28 10.10
CA LEU A 140 7.71 -26.38 8.96
C LEU A 140 7.92 -27.15 7.66
N GLN A 141 8.74 -28.20 7.70
CA GLN A 141 8.90 -29.05 6.51
C GLN A 141 7.62 -29.81 6.20
N LYS A 142 6.79 -30.08 7.21
CA LYS A 142 5.49 -30.69 6.96
C LYS A 142 4.57 -29.77 6.17
N LYS A 143 4.87 -28.48 6.10
CA LYS A 143 4.10 -27.52 5.33
C LYS A 143 4.80 -27.16 4.02
N LYS A 144 5.79 -27.95 3.61
CA LYS A 144 6.56 -27.80 2.37
C LYS A 144 7.48 -26.59 2.39
N TYR A 145 7.72 -25.99 3.55
CA TYR A 145 8.58 -24.81 3.63
C TYR A 145 10.05 -25.22 3.66
N ARG A 146 10.87 -24.50 2.91
CA ARG A 146 12.32 -24.72 2.92
C ARG A 146 12.89 -24.11 4.20
N VAL A 147 13.21 -24.96 5.17
CA VAL A 147 13.73 -24.50 6.45
C VAL A 147 15.23 -24.26 6.32
N LEU A 148 15.64 -23.01 6.53
CA LEU A 148 17.03 -22.61 6.42
C LEU A 148 17.64 -22.41 7.80
N GLY A 149 18.97 -22.46 7.86
CA GLY A 149 19.66 -22.22 9.10
C GLY A 149 19.51 -20.79 9.57
N ILE A 150 19.72 -20.59 10.87
CA ILE A 150 19.56 -19.26 11.46
C ILE A 150 20.65 -18.30 10.98
N ASN A 151 21.75 -18.83 10.45
CA ASN A 151 22.81 -18.01 9.86
C ASN A 151 23.00 -18.35 8.38
N GLU A 152 22.03 -18.99 7.75
CA GLU A 152 22.09 -19.41 6.36
C GLU A 152 21.23 -18.59 5.43
N TRP A 153 20.14 -18.01 5.94
CA TRP A 153 19.20 -17.28 5.09
C TRP A 153 19.80 -16.00 4.53
N GLN A 154 20.67 -15.34 5.30
CA GLN A 154 21.29 -14.11 4.82
C GLN A 154 22.28 -14.36 3.69
N ASN A 155 22.61 -15.61 3.39
CA ASN A 155 23.64 -15.94 2.41
C ASN A 155 23.13 -16.88 1.32
N THR A 156 21.81 -16.91 1.09
CA THR A 156 21.26 -17.77 0.05
C THR A 156 21.61 -17.31 -1.35
N GLY A 157 22.14 -16.11 -1.51
CA GLY A 157 22.40 -15.56 -2.83
C GLY A 157 21.20 -14.95 -3.51
N PHE A 158 20.08 -14.80 -2.81
CA PHE A 158 18.91 -14.12 -3.38
C PHE A 158 18.18 -13.38 -2.27
N GLN A 159 17.39 -12.40 -2.69
CA GLN A 159 16.63 -11.55 -1.78
C GLN A 159 15.20 -12.05 -1.64
N TYR A 160 14.56 -11.64 -0.55
CA TYR A 160 13.21 -12.05 -0.22
C TYR A 160 12.27 -10.86 -0.35
N ASP A 161 11.11 -11.09 -0.98
CA ASP A 161 10.17 -10.00 -1.22
C ASP A 161 9.41 -9.62 0.04
N VAL A 162 9.13 -10.58 0.91
CA VAL A 162 8.51 -10.30 2.21
C VAL A 162 9.23 -11.14 3.25
N ILE A 163 9.88 -10.47 4.21
CA ILE A 163 10.57 -11.13 5.30
C ILE A 163 9.73 -10.92 6.56
N SER A 164 9.10 -11.98 7.03
CA SER A 164 8.25 -11.92 8.21
C SER A 164 9.04 -12.27 9.45
N CYS A 165 9.04 -11.37 10.43
CA CYS A 165 9.68 -11.57 11.74
C CYS A 165 8.60 -11.34 12.79
N LEU A 166 7.85 -12.39 13.10
CA LEU A 166 6.66 -12.28 13.93
C LEU A 166 6.97 -12.79 15.32
N ASN A 167 6.95 -11.89 16.30
CA ASN A 167 7.12 -12.24 17.72
C ASN A 167 8.42 -12.99 17.96
N LEU A 168 9.51 -12.43 17.43
CA LEU A 168 10.83 -13.04 17.53
C LEU A 168 11.85 -12.15 18.23
N LEU A 169 11.75 -10.83 18.10
CA LEU A 169 12.72 -9.94 18.72
C LEU A 169 12.76 -10.13 20.24
N ASP A 170 11.60 -10.36 20.86
CA ASP A 170 11.53 -10.63 22.28
C ASP A 170 11.83 -12.08 22.62
N ARG A 171 12.36 -12.86 21.67
CA ARG A 171 12.62 -14.28 21.89
C ARG A 171 13.98 -14.74 21.39
N CYS A 172 14.80 -13.84 20.85
CA CYS A 172 16.09 -14.21 20.30
C CYS A 172 17.22 -13.54 21.08
N ASP A 173 18.45 -13.95 20.75
CA ASP A 173 19.64 -13.48 21.47
C ASP A 173 20.15 -12.16 20.93
N GLN A 174 20.10 -11.96 19.62
CA GLN A 174 20.62 -10.74 18.98
C GLN A 174 19.54 -10.20 18.05
N PRO A 175 18.50 -9.55 18.59
CA PRO A 175 17.41 -9.04 17.75
C PRO A 175 17.82 -7.90 16.84
N LEU A 176 18.58 -6.93 17.38
CA LEU A 176 19.02 -5.80 16.58
C LEU A 176 19.91 -6.26 15.43
N THR A 177 20.72 -7.30 15.67
CA THR A 177 21.46 -7.92 14.57
C THR A 177 20.50 -8.49 13.53
N LEU A 178 19.44 -9.15 13.98
CA LEU A 178 18.45 -9.71 13.05
C LEU A 178 17.80 -8.62 12.20
N LEU A 179 17.61 -7.43 12.76
CA LEU A 179 16.97 -6.36 12.01
C LEU A 179 17.82 -5.90 10.83
N LYS A 180 19.08 -5.55 11.10
CA LYS A 180 19.98 -5.18 10.01
C LYS A 180 20.19 -6.35 9.04
N ASP A 181 20.16 -7.58 9.55
CA ASP A 181 20.23 -8.74 8.68
C ASP A 181 19.08 -8.76 7.69
N ILE A 182 17.85 -8.53 8.19
CA ILE A 182 16.68 -8.48 7.31
C ILE A 182 16.82 -7.35 6.29
N ARG A 183 17.34 -6.20 6.74
CA ARG A 183 17.49 -5.06 5.83
C ARG A 183 18.42 -5.38 4.68
N SER A 184 19.46 -6.18 4.93
CA SER A 184 20.44 -6.46 3.89
C SER A 184 19.88 -7.36 2.80
N VAL A 185 19.09 -8.37 3.19
CA VAL A 185 18.60 -9.36 2.25
C VAL A 185 17.18 -9.09 1.78
N LEU A 186 16.54 -8.03 2.27
CA LEU A 186 15.23 -7.66 1.75
C LEU A 186 15.37 -7.05 0.36
N GLU A 187 14.46 -7.45 -0.54
CA GLU A 187 14.43 -6.90 -1.88
C GLU A 187 14.17 -5.39 -1.78
N PRO A 188 15.15 -4.55 -2.14
CA PRO A 188 15.08 -3.13 -1.75
C PRO A 188 14.02 -2.32 -2.47
N THR A 189 13.61 -2.72 -3.68
CA THR A 189 12.74 -1.85 -4.46
C THR A 189 11.31 -1.89 -3.95
N ARG A 190 10.73 -3.08 -3.84
CA ARG A 190 9.34 -3.22 -3.40
C ARG A 190 9.16 -4.17 -2.23
N GLY A 191 10.24 -4.72 -1.68
CA GLY A 191 10.11 -5.64 -0.57
C GLY A 191 9.55 -4.96 0.67
N ARG A 192 8.85 -5.77 1.48
CA ARG A 192 8.23 -5.27 2.70
C ARG A 192 8.51 -6.24 3.84
N VAL A 193 8.73 -5.69 5.04
CA VAL A 193 8.95 -6.48 6.24
C VAL A 193 7.72 -6.38 7.11
N ILE A 194 7.15 -7.52 7.50
CA ILE A 194 6.07 -7.58 8.47
C ILE A 194 6.65 -8.10 9.78
N LEU A 195 6.35 -7.39 10.88
CA LEU A 195 7.01 -7.63 12.15
C LEU A 195 5.99 -7.54 13.27
N ALA A 196 5.78 -8.64 13.98
CA ALA A 196 4.96 -8.67 15.18
C ALA A 196 5.84 -8.50 16.42
N LEU A 197 5.22 -8.03 17.50
CA LEU A 197 5.96 -7.76 18.72
C LEU A 197 4.98 -7.69 19.89
N VAL A 198 5.26 -8.45 20.94
CA VAL A 198 4.40 -8.49 22.12
C VAL A 198 4.73 -7.29 23.00
N LEU A 199 3.70 -6.48 23.30
CA LEU A 199 3.86 -5.35 24.19
C LEU A 199 3.02 -5.55 25.46
N PRO A 200 3.55 -5.22 26.65
CA PRO A 200 4.87 -4.62 26.93
C PRO A 200 6.05 -5.50 26.53
N PHE A 201 7.03 -4.90 25.88
CA PHE A 201 8.19 -5.62 25.37
C PHE A 201 8.98 -6.24 26.52
N HIS A 202 8.94 -7.56 26.64
CA HIS A 202 9.66 -8.30 27.68
C HIS A 202 10.46 -9.40 27.01
N PRO A 203 11.73 -9.16 26.71
CA PRO A 203 12.52 -10.13 25.94
C PRO A 203 13.26 -11.13 26.83
N TYR A 204 13.38 -12.34 26.31
CA TYR A 204 14.24 -13.36 26.90
C TYR A 204 14.46 -14.45 25.87
N VAL A 205 15.54 -15.21 26.06
CA VAL A 205 15.88 -16.33 25.19
C VAL A 205 15.45 -17.61 25.89
N GLU A 206 14.58 -18.38 25.24
CA GLU A 206 14.09 -19.61 25.82
C GLU A 206 15.20 -20.66 25.88
N ASN A 207 15.24 -21.39 26.99
CA ASN A 207 16.21 -22.46 27.18
C ASN A 207 15.48 -23.74 27.59
N VAL A 208 16.25 -24.83 27.69
CA VAL A 208 15.67 -26.13 28.00
C VAL A 208 15.29 -26.17 29.48
N GLY A 209 14.17 -26.82 29.78
CA GLY A 209 13.74 -26.99 31.14
C GLY A 209 13.03 -25.80 31.74
N GLY A 210 12.26 -25.07 30.95
CA GLY A 210 11.58 -23.89 31.43
C GLY A 210 12.49 -22.72 31.79
N LYS A 211 13.79 -22.87 31.61
CA LYS A 211 14.74 -21.81 31.94
C LYS A 211 14.67 -20.70 30.88
N TRP A 212 15.55 -19.71 31.05
CA TRP A 212 15.62 -18.60 30.10
C TRP A 212 16.93 -17.87 30.33
N GLU A 213 17.26 -16.98 29.39
CA GLU A 213 18.45 -16.15 29.50
C GLU A 213 18.16 -14.81 28.85
N LYS A 214 18.79 -13.77 29.39
CA LYS A 214 18.63 -12.42 28.86
C LYS A 214 19.34 -12.31 27.51
N PRO A 215 18.77 -11.54 26.57
CA PRO A 215 19.37 -11.44 25.23
C PRO A 215 20.69 -10.68 25.26
N SER A 216 21.55 -11.00 24.30
CA SER A 216 22.84 -10.35 24.14
C SER A 216 22.75 -9.02 23.42
N GLU A 217 21.54 -8.54 23.13
CA GLU A 217 21.34 -7.24 22.50
C GLU A 217 20.06 -6.62 23.05
N ILE A 218 20.15 -5.38 23.51
CA ILE A 218 19.04 -4.70 24.16
C ILE A 218 18.36 -3.78 23.15
N LEU A 219 17.03 -3.92 23.04
CA LEU A 219 16.22 -3.05 22.20
C LEU A 219 15.67 -1.91 23.05
N GLU A 220 15.76 -0.68 22.53
CA GLU A 220 15.35 0.51 23.27
C GLU A 220 13.85 0.78 23.07
N ILE A 221 13.04 -0.24 23.39
CA ILE A 221 11.59 -0.16 23.30
C ILE A 221 11.07 0.07 24.72
N LYS A 222 10.70 1.32 25.02
CA LYS A 222 10.26 1.71 26.35
C LYS A 222 8.84 2.27 26.28
N GLY A 223 8.14 2.18 27.40
CA GLY A 223 6.81 2.73 27.50
C GLY A 223 6.13 2.24 28.76
N GLN A 224 5.04 2.91 29.10
CA GLN A 224 4.21 2.53 30.24
C GLN A 224 2.85 1.99 29.82
N ASN A 225 2.62 1.85 28.51
CA ASN A 225 1.42 1.22 27.97
C ASN A 225 1.70 0.88 26.51
N TRP A 226 0.67 0.36 25.84
CA TRP A 226 0.83 -0.06 24.45
C TRP A 226 1.18 1.11 23.55
N GLU A 227 0.49 2.23 23.71
CA GLU A 227 0.65 3.36 22.80
C GLU A 227 2.05 3.97 22.89
N GLU A 228 2.68 3.93 24.06
CA GLU A 228 4.01 4.53 24.20
C GLU A 228 5.10 3.61 23.67
N GLN A 229 5.01 2.32 23.95
CA GLN A 229 5.98 1.37 23.41
C GLN A 229 5.95 1.36 21.88
N VAL A 230 4.77 1.55 21.29
CA VAL A 230 4.69 1.70 19.84
C VAL A 230 5.41 2.97 19.40
N ASN A 231 5.23 4.07 20.14
CA ASN A 231 5.85 5.34 19.78
C ASN A 231 7.37 5.29 19.84
N SER A 232 7.94 4.35 20.58
CA SER A 232 9.39 4.22 20.67
C SER A 232 9.98 3.40 19.54
N LEU A 233 9.15 2.72 18.76
CA LEU A 233 9.60 1.81 17.71
C LEU A 233 10.03 2.49 16.40
N PRO A 234 9.41 3.60 15.97
CA PRO A 234 9.90 4.26 14.74
C PRO A 234 11.38 4.55 14.74
N GLU A 235 11.91 5.09 15.84
CA GLU A 235 13.34 5.38 15.90
C GLU A 235 14.17 4.10 15.94
N VAL A 236 13.62 3.03 16.52
CA VAL A 236 14.34 1.75 16.55
C VAL A 236 14.43 1.16 15.15
N PHE A 237 13.34 1.20 14.39
CA PHE A 237 13.37 0.74 13.01
C PHE A 237 14.27 1.63 12.15
N ARG A 238 14.37 2.92 12.49
CA ARG A 238 15.24 3.82 11.75
C ARG A 238 16.70 3.41 11.85
N LYS A 239 17.09 2.77 12.96
CA LYS A 239 18.47 2.30 13.12
C LYS A 239 18.83 1.31 12.02
N ALA A 240 18.08 0.23 11.91
CA ALA A 240 18.34 -0.79 10.90
C ALA A 240 17.94 -0.37 9.49
N GLY A 241 17.50 0.86 9.27
CA GLY A 241 17.14 1.31 7.94
C GLY A 241 15.73 0.96 7.52
N PHE A 242 14.75 1.16 8.40
CA PHE A 242 13.36 0.90 8.10
C PHE A 242 12.50 2.08 8.52
N VAL A 243 11.35 2.20 7.86
CA VAL A 243 10.30 3.14 8.26
C VAL A 243 8.97 2.41 8.24
N ILE A 244 8.10 2.74 9.18
CA ILE A 244 6.81 2.07 9.29
C ILE A 244 5.89 2.58 8.18
N GLU A 245 5.46 1.68 7.31
CA GLU A 245 4.47 2.02 6.30
C GLU A 245 3.06 1.85 6.83
N ALA A 246 2.83 0.84 7.66
CA ALA A 246 1.53 0.61 8.28
C ALA A 246 1.71 -0.24 9.52
N PHE A 247 0.74 -0.17 10.42
CA PHE A 247 0.79 -0.96 11.64
C PHE A 247 -0.61 -1.00 12.25
N THR A 248 -0.85 -2.04 13.04
CA THR A 248 -2.15 -2.25 13.65
C THR A 248 -1.96 -2.88 15.03
N ARG A 249 -3.05 -2.99 15.76
CA ARG A 249 -3.08 -3.69 17.04
C ARG A 249 -3.90 -4.97 16.89
N LEU A 250 -3.33 -6.09 17.31
CA LEU A 250 -3.92 -7.40 17.12
C LEU A 250 -3.72 -8.23 18.38
N PRO A 251 -4.54 -9.27 18.57
CA PRO A 251 -4.27 -10.23 19.65
C PRO A 251 -3.34 -11.34 19.21
N TYR A 252 -2.33 -11.64 20.02
CA TYR A 252 -1.43 -12.77 19.74
C TYR A 252 -2.06 -14.05 20.27
N LEU A 253 -3.14 -14.45 19.61
CA LEU A 253 -3.94 -15.58 20.08
C LEU A 253 -3.16 -16.89 20.00
N CYS A 254 -3.44 -17.77 20.95
CA CYS A 254 -2.78 -19.07 21.05
C CYS A 254 -3.77 -20.11 21.55
N GLU A 255 -3.60 -21.34 21.08
CA GLU A 255 -4.47 -22.42 21.52
C GLU A 255 -4.33 -22.65 23.02
N GLY A 256 -5.45 -23.05 23.64
CA GLY A 256 -5.55 -23.12 25.08
C GLY A 256 -5.50 -24.55 25.61
N ASP A 257 -5.42 -24.62 26.93
CA ASP A 257 -5.37 -25.87 27.69
C ASP A 257 -6.75 -26.21 28.24
N MET A 258 -6.78 -27.18 29.15
CA MET A 258 -8.01 -27.53 29.85
C MET A 258 -8.49 -26.40 30.76
N TYR A 259 -7.56 -25.58 31.28
CA TYR A 259 -7.95 -24.51 32.19
C TYR A 259 -8.61 -23.36 31.44
N ASN A 260 -8.09 -22.99 30.28
CA ASN A 260 -8.62 -21.87 29.50
C ASN A 260 -8.70 -22.27 28.04
N ASP A 261 -9.81 -21.89 27.40
CA ASP A 261 -10.06 -22.30 26.02
C ASP A 261 -9.07 -21.70 25.03
N TYR A 262 -8.48 -20.55 25.36
CA TYR A 262 -7.46 -19.95 24.52
C TYR A 262 -6.69 -18.92 25.33
N TYR A 263 -5.58 -18.47 24.78
CA TYR A 263 -4.72 -17.48 25.42
C TYR A 263 -4.50 -16.31 24.48
N VAL A 264 -4.35 -15.12 25.07
CA VAL A 264 -4.24 -13.88 24.32
C VAL A 264 -3.03 -13.10 24.79
N LEU A 265 -2.31 -12.49 23.84
CA LEU A 265 -1.23 -11.56 24.13
C LEU A 265 -1.35 -10.37 23.19
N ASP A 266 -0.95 -9.19 23.68
CA ASP A 266 -1.12 -7.95 22.95
C ASP A 266 0.00 -7.81 21.93
N ASP A 267 -0.32 -7.95 20.65
CA ASP A 267 0.64 -7.84 19.57
C ASP A 267 0.49 -6.51 18.83
N ALA A 268 1.62 -5.97 18.40
CA ALA A 268 1.66 -4.80 17.52
C ALA A 268 2.43 -5.20 16.26
N VAL A 269 1.71 -5.33 15.15
CA VAL A 269 2.28 -5.77 13.89
C VAL A 269 2.63 -4.55 13.06
N PHE A 270 3.77 -4.61 12.36
CA PHE A 270 4.27 -3.50 11.57
C PHE A 270 4.61 -3.97 10.16
N VAL A 271 4.28 -3.13 9.17
CA VAL A 271 4.72 -3.32 7.80
C VAL A 271 5.80 -2.27 7.53
N LEU A 272 7.03 -2.74 7.26
CA LEU A 272 8.19 -1.88 7.19
C LEU A 272 8.73 -1.84 5.77
N LYS A 273 8.69 -0.67 5.15
CA LYS A 273 9.38 -0.56 3.87
C LYS A 273 10.82 -0.10 4.09
N PRO A 274 11.77 -0.61 3.31
CA PRO A 274 13.17 -0.25 3.54
C PRO A 274 13.45 1.20 3.17
N VAL A 275 14.18 1.88 4.04
CA VAL A 275 14.56 3.26 3.80
C VAL A 275 16.07 3.40 3.79
N ASN B 10 -4.06 -6.40 -12.78
CA ASN B 10 -2.93 -6.46 -11.85
C ASN B 10 -1.62 -6.13 -12.56
N HIS B 11 -1.24 -7.00 -13.49
CA HIS B 11 0.00 -6.83 -14.23
C HIS B 11 -0.21 -6.04 -15.51
N GLN B 12 -1.25 -6.36 -16.27
CA GLN B 12 -1.51 -5.70 -17.55
C GLN B 12 -1.75 -4.21 -17.42
N TRP B 13 -1.94 -3.70 -16.21
CA TRP B 13 -2.10 -2.26 -16.01
C TRP B 13 -0.76 -1.52 -16.02
N TYR B 14 0.36 -2.23 -15.85
CA TYR B 14 1.63 -1.60 -15.57
C TYR B 14 2.74 -1.92 -16.56
N VAL B 15 2.68 -3.04 -17.27
CA VAL B 15 3.78 -3.46 -18.12
C VAL B 15 3.62 -2.88 -19.52
N CYS B 16 4.76 -2.54 -20.13
CA CYS B 16 4.83 -2.14 -21.52
C CYS B 16 5.90 -2.97 -22.21
N ASN B 17 5.73 -3.16 -23.52
CA ASN B 17 6.74 -3.85 -24.31
C ASN B 17 7.88 -2.88 -24.55
N ARG B 18 8.95 -3.00 -23.75
CA ARG B 18 10.04 -2.03 -23.81
C ARG B 18 10.77 -2.08 -25.14
N GLU B 19 10.75 -3.22 -25.82
CA GLU B 19 11.39 -3.31 -27.13
C GLU B 19 10.64 -2.49 -28.18
N LYS B 20 9.33 -2.30 -27.99
CA LYS B 20 8.52 -1.50 -28.90
C LYS B 20 8.56 -0.01 -28.57
N LEU B 21 9.42 0.40 -27.65
CA LEU B 21 9.53 1.80 -27.24
C LEU B 21 10.66 2.50 -27.98
N CYS B 22 10.54 3.83 -28.07
CA CYS B 22 11.64 4.64 -28.57
C CYS B 22 12.85 4.48 -27.65
N GLU B 23 14.02 4.26 -28.24
CA GLU B 23 15.21 3.97 -27.45
C GLU B 23 15.66 5.16 -26.60
N SER B 24 15.08 6.34 -26.79
CA SER B 24 15.24 7.42 -25.84
C SER B 24 14.26 7.31 -24.69
N LEU B 25 13.05 6.78 -24.95
CA LEU B 25 12.08 6.54 -23.89
C LEU B 25 12.43 5.30 -23.07
N GLN B 26 13.08 4.31 -23.70
CA GLN B 26 13.53 3.14 -22.95
C GLN B 26 14.47 3.53 -21.81
N ALA B 27 15.22 4.61 -21.98
CA ALA B 27 16.13 5.05 -20.93
C ALA B 27 15.37 5.69 -19.77
N VAL B 28 14.33 6.45 -20.06
CA VAL B 28 13.64 7.25 -19.06
C VAL B 28 12.32 6.60 -18.62
N PHE B 29 12.17 5.29 -18.81
CA PHE B 29 10.95 4.61 -18.38
C PHE B 29 11.10 4.16 -16.93
N VAL B 30 10.12 4.56 -16.10
CA VAL B 30 10.04 4.12 -14.71
C VAL B 30 9.01 3.01 -14.63
N GLN B 31 9.38 1.91 -13.99
CA GLN B 31 8.46 0.79 -13.80
C GLN B 31 7.72 0.98 -12.48
N SER B 32 6.42 1.19 -12.57
CA SER B 32 5.56 1.27 -11.40
C SER B 32 4.80 -0.04 -11.22
N TYR B 33 4.26 -0.21 -10.02
CA TYR B 33 3.63 -1.47 -9.63
C TYR B 33 2.36 -1.18 -8.84
N LEU B 34 1.51 -2.20 -8.74
CA LEU B 34 0.28 -2.08 -7.96
C LEU B 34 0.66 -2.05 -6.48
N ASP B 35 0.87 -0.85 -5.95
CA ASP B 35 1.46 -0.67 -4.63
C ASP B 35 0.38 -0.51 -3.56
N GLN B 36 0.80 -0.16 -2.35
CA GLN B 36 -0.11 -0.05 -1.23
C GLN B 36 -1.11 1.09 -1.43
N GLY B 37 -0.63 2.23 -1.93
CA GLY B 37 -1.51 3.36 -2.15
C GLY B 37 -2.58 3.10 -3.19
N THR B 38 -2.26 2.29 -4.20
CA THR B 38 -3.24 1.95 -5.23
C THR B 38 -4.30 1.01 -4.65
N GLN B 39 -3.90 0.09 -3.78
CA GLN B 39 -4.87 -0.82 -3.19
C GLN B 39 -5.72 -0.14 -2.13
N ILE B 40 -5.22 0.94 -1.52
CA ILE B 40 -6.06 1.75 -0.64
C ILE B 40 -7.22 2.34 -1.43
N PHE B 41 -6.97 2.70 -2.69
CA PHE B 41 -8.05 3.20 -3.55
C PHE B 41 -8.97 2.07 -3.99
N LEU B 42 -8.40 0.96 -4.47
CA LEU B 42 -9.22 -0.13 -4.99
C LEU B 42 -10.14 -0.70 -3.92
N ASN B 43 -9.61 -0.89 -2.70
CA ASN B 43 -10.43 -1.42 -1.62
C ASN B 43 -11.57 -0.46 -1.28
N ASN B 44 -11.29 0.85 -1.29
CA ASN B 44 -12.33 1.83 -0.99
C ASN B 44 -13.39 1.86 -2.09
N SER B 45 -12.96 1.86 -3.34
CA SER B 45 -13.92 1.84 -4.44
C SER B 45 -14.79 0.59 -4.41
N ILE B 46 -14.19 -0.56 -4.07
CA ILE B 46 -14.96 -1.78 -3.89
C ILE B 46 -15.90 -1.64 -2.70
N GLU B 47 -15.47 -0.93 -1.65
CA GLU B 47 -16.32 -0.70 -0.49
C GLU B 47 -17.52 0.18 -0.87
N LYS B 48 -17.25 1.33 -1.49
CA LYS B 48 -18.31 2.26 -1.85
C LYS B 48 -19.22 1.72 -2.94
N SER B 49 -18.85 0.61 -3.59
CA SER B 49 -19.75 -0.05 -4.52
C SER B 49 -20.74 -0.96 -3.82
N GLY B 50 -20.43 -1.42 -2.61
CA GLY B 50 -21.36 -2.18 -1.81
C GLY B 50 -22.40 -1.35 -1.10
N TRP B 51 -22.21 -0.03 -1.05
CA TRP B 51 -23.16 0.89 -0.43
C TRP B 51 -24.34 1.12 -1.38
N ALA B 52 -25.16 0.07 -1.51
CA ALA B 52 -26.29 0.12 -2.42
C ALA B 52 -27.26 1.24 -2.07
N ALA B 53 -27.32 1.63 -0.80
CA ALA B 53 -28.16 2.75 -0.40
C ALA B 53 -27.75 4.03 -1.14
N ILE B 54 -26.45 4.30 -1.18
CA ILE B 54 -25.96 5.48 -1.89
C ILE B 54 -25.81 5.20 -3.38
N GLN B 55 -25.44 3.98 -3.74
CA GLN B 55 -25.25 3.64 -5.16
C GLN B 55 -26.54 3.83 -5.95
N ALA B 56 -27.70 3.65 -5.31
CA ALA B 56 -28.95 4.00 -5.95
C ALA B 56 -29.26 5.49 -5.85
N TYR B 57 -28.71 6.16 -4.83
CA TYR B 57 -28.89 7.60 -4.72
C TYR B 57 -28.10 8.32 -5.81
N HIS B 58 -26.84 7.94 -6.01
CA HIS B 58 -26.07 8.46 -7.14
C HIS B 58 -26.76 8.14 -8.47
N SER B 59 -27.22 6.90 -8.61
CA SER B 59 -27.92 6.51 -9.83
C SER B 59 -29.22 7.29 -10.01
N ALA B 60 -29.81 7.78 -8.92
CA ALA B 60 -31.04 8.54 -9.03
C ALA B 60 -30.77 9.97 -9.51
N VAL B 61 -29.78 10.62 -8.90
CA VAL B 61 -29.48 12.01 -9.25
C VAL B 61 -28.97 12.11 -10.68
N SER B 62 -28.07 11.21 -11.07
CA SER B 62 -27.49 11.27 -12.41
C SER B 62 -28.55 11.03 -13.48
N SER B 63 -29.44 10.05 -13.25
CA SER B 63 -30.53 9.81 -14.19
C SER B 63 -31.46 11.02 -14.26
N ALA B 64 -31.52 11.81 -13.20
CA ALA B 64 -32.43 12.95 -13.17
C ALA B 64 -31.83 14.17 -13.86
N PHE B 65 -30.53 14.40 -13.70
CA PHE B 65 -29.89 15.63 -14.15
C PHE B 65 -28.87 15.39 -15.27
N SER B 66 -28.98 14.27 -15.98
CA SER B 66 -28.02 14.00 -17.06
C SER B 66 -28.20 14.97 -18.21
N LEU B 67 -29.46 15.35 -18.51
CA LEU B 67 -29.71 16.25 -19.62
C LEU B 67 -29.38 17.70 -19.26
N ALA B 68 -29.45 18.06 -17.98
CA ALA B 68 -29.28 19.43 -17.55
C ALA B 68 -27.85 19.79 -17.18
N MET B 69 -26.97 18.80 -16.99
CA MET B 69 -25.58 19.06 -16.63
C MET B 69 -24.69 18.08 -17.36
N SER B 70 -23.38 18.35 -17.32
CA SER B 70 -22.40 17.40 -17.82
C SER B 70 -22.19 16.29 -16.82
N ARG B 71 -21.75 15.12 -17.32
CA ARG B 71 -21.49 13.99 -16.44
C ARG B 71 -20.47 14.34 -15.37
N THR B 72 -19.49 15.15 -15.72
CA THR B 72 -18.50 15.60 -14.73
C THR B 72 -19.16 16.47 -13.66
N SER B 73 -19.99 17.42 -14.08
CA SER B 73 -20.68 18.27 -13.12
C SER B 73 -21.60 17.47 -12.22
N ILE B 74 -22.21 16.41 -12.75
CA ILE B 74 -23.00 15.51 -11.90
C ILE B 74 -22.13 14.81 -10.88
N ASN B 75 -20.97 14.32 -11.31
CA ASN B 75 -20.03 13.69 -10.39
C ASN B 75 -19.51 14.67 -9.36
N GLY B 76 -19.39 15.95 -9.74
CA GLY B 76 -18.94 16.95 -8.78
C GLY B 76 -19.99 17.29 -7.74
N LEU B 77 -21.25 17.43 -8.17
CA LEU B 77 -22.32 17.73 -7.24
C LEU B 77 -22.45 16.65 -6.17
N LEU B 78 -22.41 15.39 -6.59
CA LEU B 78 -22.50 14.27 -5.65
C LEU B 78 -21.17 13.94 -4.98
N GLY B 79 -20.06 14.49 -5.48
CA GLY B 79 -18.76 14.10 -4.98
C GLY B 79 -18.38 12.67 -5.29
N ARG B 80 -19.08 12.04 -6.24
CA ARG B 80 -18.85 10.64 -6.58
C ARG B 80 -17.78 10.53 -7.66
N GLY B 81 -17.50 9.29 -8.04
CA GLY B 81 -16.59 9.03 -9.16
C GLY B 81 -15.20 9.59 -8.99
N SER B 82 -14.69 9.64 -7.76
CA SER B 82 -13.32 10.07 -7.54
C SER B 82 -12.36 9.16 -8.30
N MET B 83 -11.41 9.76 -9.01
CA MET B 83 -10.50 9.02 -9.87
C MET B 83 -9.13 8.92 -9.23
N PHE B 84 -8.30 8.04 -9.79
CA PHE B 84 -6.98 7.75 -9.28
C PHE B 84 -6.00 7.61 -10.43
N VAL B 85 -4.80 8.15 -10.26
CA VAL B 85 -3.75 8.01 -11.25
C VAL B 85 -2.54 7.34 -10.61
N PHE B 86 -1.95 7.99 -9.61
CA PHE B 86 -0.77 7.48 -8.93
C PHE B 86 -0.94 7.60 -7.43
N SER B 87 -0.18 6.80 -6.70
CA SER B 87 -0.06 6.89 -5.26
C SER B 87 1.09 7.81 -4.89
N PRO B 88 1.12 8.34 -3.65
CA PRO B 88 2.24 9.20 -3.26
C PRO B 88 3.59 8.55 -3.47
N ASP B 89 3.73 7.25 -3.16
CA ASP B 89 4.97 6.55 -3.46
C ASP B 89 5.25 6.56 -4.96
N GLN B 90 4.28 6.12 -5.76
CA GLN B 90 4.41 6.21 -7.22
C GLN B 90 4.69 7.63 -7.67
N PHE B 91 4.06 8.61 -7.02
CA PHE B 91 4.28 10.00 -7.37
C PHE B 91 5.69 10.45 -7.02
N GLN B 92 6.17 10.06 -5.83
CA GLN B 92 7.55 10.39 -5.44
C GLN B 92 8.56 9.68 -6.32
N ARG B 93 8.29 8.43 -6.69
CA ARG B 93 9.22 7.67 -7.52
C ARG B 93 9.28 8.22 -8.94
N LEU B 94 8.21 8.85 -9.41
CA LEU B 94 8.19 9.38 -10.77
C LEU B 94 8.89 10.73 -10.86
N LEU B 95 8.74 11.57 -9.83
CA LEU B 95 9.38 12.88 -9.81
C LEU B 95 10.81 12.82 -9.29
N LYS B 96 11.30 11.64 -8.92
CA LYS B 96 12.63 11.48 -8.32
C LYS B 96 12.79 12.37 -7.09
N ILE B 97 11.80 12.30 -6.21
CA ILE B 97 11.77 13.10 -4.99
C ILE B 97 11.52 12.19 -3.79
N ASN B 98 11.99 12.63 -2.63
CA ASN B 98 11.82 11.88 -1.40
C ASN B 98 10.46 12.19 -0.78
N PRO B 99 10.02 11.40 0.20
CA PRO B 99 8.69 11.64 0.81
C PRO B 99 8.50 13.06 1.34
N ASP B 100 9.43 13.56 2.14
CA ASP B 100 9.30 14.88 2.76
C ASP B 100 9.66 16.03 1.83
N TRP B 101 9.88 15.76 0.55
CA TRP B 101 10.25 16.81 -0.39
C TRP B 101 9.10 17.82 -0.53
N LYS B 102 9.47 19.07 -0.80
CA LYS B 102 8.51 20.16 -0.81
C LYS B 102 9.03 21.30 -1.68
N THR B 103 8.10 22.07 -2.22
CA THR B 103 8.43 23.29 -2.96
C THR B 103 7.26 24.27 -2.79
N HIS B 104 7.23 25.30 -3.63
CA HIS B 104 6.34 26.44 -3.39
C HIS B 104 5.00 26.30 -4.13
N ARG B 105 5.03 26.22 -5.46
CA ARG B 105 3.84 26.39 -6.27
C ARG B 105 3.50 25.12 -7.04
N LEU B 106 2.23 24.74 -7.01
CA LEU B 106 1.68 23.66 -7.83
C LEU B 106 0.45 24.19 -8.57
N LEU B 107 0.29 23.74 -9.82
CA LEU B 107 -0.90 24.05 -10.60
C LEU B 107 -1.41 22.79 -11.26
N ASP B 108 -2.62 22.38 -10.91
CA ASP B 108 -3.27 21.22 -11.50
C ASP B 108 -4.31 21.70 -12.51
N LEU B 109 -4.01 21.56 -13.79
CA LEU B 109 -4.89 22.02 -14.84
C LEU B 109 -5.99 20.99 -15.08
N GLY B 110 -7.25 21.41 -14.92
CA GLY B 110 -8.36 20.49 -15.00
C GLY B 110 -8.31 19.47 -13.89
N ALA B 111 -8.45 19.92 -12.65
CA ALA B 111 -8.21 19.09 -11.48
C ALA B 111 -9.40 18.21 -11.10
N GLY B 112 -10.59 18.48 -11.64
CA GLY B 112 -11.75 17.70 -11.24
C GLY B 112 -12.13 17.96 -9.79
N ASP B 113 -12.45 16.88 -9.07
CA ASP B 113 -12.75 16.99 -7.65
C ASP B 113 -11.50 16.96 -6.77
N GLY B 114 -10.32 17.12 -7.36
CA GLY B 114 -9.09 17.28 -6.61
C GLY B 114 -8.63 16.07 -5.84
N GLU B 115 -9.17 14.89 -6.14
CA GLU B 115 -8.77 13.68 -5.41
C GLU B 115 -7.42 13.15 -5.89
N VAL B 116 -6.94 13.59 -7.05
CA VAL B 116 -5.60 13.21 -7.51
C VAL B 116 -4.65 14.33 -7.11
N THR B 117 -5.17 15.56 -7.02
CA THR B 117 -4.37 16.66 -6.50
C THR B 117 -3.98 16.43 -5.05
N LYS B 118 -4.89 15.82 -4.26
CA LYS B 118 -4.60 15.52 -2.87
C LYS B 118 -3.39 14.61 -2.73
N ILE B 119 -3.11 13.78 -3.73
CA ILE B 119 -1.91 12.95 -3.71
C ILE B 119 -0.66 13.83 -3.76
N MET B 120 -0.68 14.86 -4.59
CA MET B 120 0.48 15.73 -4.78
C MET B 120 0.54 16.87 -3.77
N SER B 121 -0.61 17.30 -3.24
CA SER B 121 -0.73 18.50 -2.41
C SER B 121 0.20 18.57 -1.21
N PRO B 122 0.58 17.46 -0.55
CA PRO B 122 1.53 17.59 0.59
C PRO B 122 2.87 18.18 0.22
N HIS B 123 3.27 18.15 -1.05
CA HIS B 123 4.58 18.59 -1.47
C HIS B 123 4.65 20.08 -1.82
N PHE B 124 3.62 20.85 -1.50
CA PHE B 124 3.54 22.22 -1.98
C PHE B 124 2.96 23.13 -0.91
N GLU B 125 3.43 24.38 -0.90
CA GLU B 125 2.94 25.39 0.04
C GLU B 125 1.74 26.14 -0.50
N GLU B 126 1.60 26.24 -1.83
CA GLU B 126 0.45 26.90 -2.45
C GLU B 126 -0.01 26.04 -3.62
N ILE B 127 -1.30 25.72 -3.64
CA ILE B 127 -1.86 24.82 -4.64
C ILE B 127 -2.89 25.61 -5.44
N TYR B 128 -2.62 25.79 -6.72
CA TYR B 128 -3.57 26.37 -7.67
C TYR B 128 -4.15 25.27 -8.55
N ALA B 129 -5.35 25.51 -9.07
CA ALA B 129 -6.00 24.54 -9.94
C ALA B 129 -7.06 25.24 -10.77
N THR B 130 -7.41 24.63 -11.89
CA THR B 130 -8.42 25.15 -12.81
C THR B 130 -9.44 24.06 -13.11
N GLU B 131 -10.62 24.49 -13.56
CA GLU B 131 -11.70 23.57 -13.91
C GLU B 131 -12.77 24.34 -14.68
N LEU B 132 -13.51 23.60 -15.51
CA LEU B 132 -14.66 24.15 -16.23
C LEU B 132 -15.98 23.86 -15.52
N SER B 133 -16.06 22.75 -14.78
CA SER B 133 -17.29 22.37 -14.11
C SER B 133 -17.54 23.24 -12.89
N GLU B 134 -18.78 23.70 -12.75
CA GLU B 134 -19.13 24.57 -11.62
C GLU B 134 -19.10 23.79 -10.30
N THR B 135 -19.53 22.53 -10.31
CA THR B 135 -19.53 21.74 -9.09
C THR B 135 -18.13 21.25 -8.73
N MET B 136 -17.28 21.00 -9.72
CA MET B 136 -15.92 20.58 -9.43
C MET B 136 -15.12 21.68 -8.75
N ILE B 137 -15.31 22.94 -9.18
CA ILE B 137 -14.65 24.06 -8.53
C ILE B 137 -15.04 24.13 -7.06
N TRP B 138 -16.30 23.82 -6.76
CA TRP B 138 -16.73 23.75 -5.35
C TRP B 138 -15.97 22.66 -4.60
N GLN B 139 -15.79 21.50 -5.23
CA GLN B 139 -15.04 20.42 -4.59
C GLN B 139 -13.57 20.80 -4.38
N LEU B 140 -13.04 21.69 -5.22
CA LEU B 140 -11.67 22.15 -5.06
C LEU B 140 -11.55 23.16 -3.94
N GLN B 141 -12.45 24.15 -3.91
CA GLN B 141 -12.43 25.15 -2.84
C GLN B 141 -12.70 24.52 -1.47
N LYS B 142 -13.43 23.40 -1.44
CA LYS B 142 -13.58 22.67 -0.19
C LYS B 142 -12.24 22.13 0.30
N LYS B 143 -11.33 21.81 -0.62
CA LYS B 143 -9.97 21.41 -0.27
C LYS B 143 -9.05 22.60 -0.07
N LYS B 144 -9.61 23.82 -0.04
CA LYS B 144 -8.90 25.08 0.18
C LYS B 144 -7.95 25.43 -0.95
N TYR B 145 -8.04 24.76 -2.09
CA TYR B 145 -7.24 25.13 -3.25
C TYR B 145 -7.69 26.48 -3.80
N ARG B 146 -6.82 27.11 -4.57
CA ARG B 146 -7.09 28.40 -5.19
C ARG B 146 -7.48 28.15 -6.65
N VAL B 147 -8.74 28.38 -6.97
CA VAL B 147 -9.27 28.12 -8.30
C VAL B 147 -9.11 29.37 -9.16
N LEU B 148 -8.39 29.23 -10.27
CA LEU B 148 -8.13 30.31 -11.18
C LEU B 148 -8.89 30.10 -12.49
N GLY B 149 -9.17 31.21 -13.17
CA GLY B 149 -9.78 31.12 -14.49
C GLY B 149 -8.88 30.44 -15.49
N ILE B 150 -9.48 30.02 -16.61
CA ILE B 150 -8.74 29.25 -17.60
C ILE B 150 -7.71 30.10 -18.34
N ASN B 151 -7.85 31.43 -18.32
CA ASN B 151 -6.92 32.32 -18.99
C ASN B 151 -6.26 33.31 -18.02
N GLU B 152 -6.31 33.02 -16.71
CA GLU B 152 -5.66 33.85 -15.71
C GLU B 152 -4.32 33.27 -15.26
N TRP B 153 -4.20 31.95 -15.20
CA TRP B 153 -3.01 31.33 -14.64
C TRP B 153 -1.75 31.66 -15.45
N GLN B 154 -1.90 31.93 -16.75
CA GLN B 154 -0.76 32.36 -17.54
C GLN B 154 -0.47 33.84 -17.39
N ASN B 155 -1.43 34.61 -16.89
CA ASN B 155 -1.32 36.07 -16.87
C ASN B 155 -1.24 36.66 -15.48
N THR B 156 -1.27 35.84 -14.42
CA THR B 156 -1.01 36.36 -13.09
C THR B 156 0.41 36.92 -12.99
N GLY B 157 1.36 36.32 -13.72
CA GLY B 157 2.74 36.73 -13.73
C GLY B 157 3.68 35.71 -13.13
N PHE B 158 3.22 34.94 -12.15
CA PHE B 158 4.03 33.98 -11.44
C PHE B 158 4.33 32.76 -12.31
N GLN B 159 5.35 32.01 -11.90
CA GLN B 159 5.67 30.72 -12.50
C GLN B 159 5.50 29.65 -11.43
N TYR B 160 4.81 28.57 -11.81
CA TYR B 160 4.56 27.47 -10.88
C TYR B 160 5.73 26.50 -10.90
N ASP B 161 6.17 26.10 -9.71
CA ASP B 161 7.29 25.16 -9.61
C ASP B 161 6.93 23.80 -10.19
N VAL B 162 5.65 23.41 -10.12
CA VAL B 162 5.15 22.19 -10.72
C VAL B 162 3.79 22.48 -11.32
N ILE B 163 3.61 22.12 -12.60
CA ILE B 163 2.32 22.23 -13.26
C ILE B 163 1.90 20.83 -13.70
N SER B 164 0.71 20.42 -13.28
CA SER B 164 0.20 19.08 -13.58
C SER B 164 -1.00 19.20 -14.52
N CYS B 165 -0.89 18.57 -15.69
CA CYS B 165 -1.98 18.45 -16.65
C CYS B 165 -2.33 16.98 -16.72
N LEU B 166 -3.20 16.54 -15.81
CA LEU B 166 -3.52 15.13 -15.64
C LEU B 166 -4.75 14.80 -16.47
N ASN B 167 -4.52 14.23 -17.66
CA ASN B 167 -5.58 13.77 -18.57
C ASN B 167 -6.50 14.92 -19.00
N LEU B 168 -5.98 16.15 -19.01
CA LEU B 168 -6.73 17.28 -19.54
C LEU B 168 -6.56 17.45 -21.04
N LEU B 169 -5.45 16.95 -21.60
CA LEU B 169 -5.18 17.13 -23.02
C LEU B 169 -6.30 16.57 -23.88
N ASP B 170 -6.69 15.31 -23.63
CA ASP B 170 -7.74 14.68 -24.43
C ASP B 170 -9.14 15.20 -24.11
N ARG B 171 -9.27 16.15 -23.19
CA ARG B 171 -10.59 16.65 -22.79
C ARG B 171 -10.77 18.14 -22.98
N CYS B 172 -9.74 18.86 -23.44
CA CYS B 172 -9.82 20.30 -23.62
C CYS B 172 -9.85 20.65 -25.10
N ASP B 173 -10.22 21.90 -25.38
CA ASP B 173 -10.41 22.34 -26.76
C ASP B 173 -9.09 22.74 -27.41
N GLN B 174 -8.19 23.36 -26.65
CA GLN B 174 -6.91 23.85 -27.17
C GLN B 174 -5.77 23.14 -26.45
N PRO B 175 -5.51 21.88 -26.79
CA PRO B 175 -4.44 21.14 -26.09
C PRO B 175 -3.05 21.70 -26.37
N LEU B 176 -2.70 21.88 -27.64
CA LEU B 176 -1.38 22.41 -27.97
C LEU B 176 -1.20 23.82 -27.43
N THR B 177 -2.27 24.61 -27.39
CA THR B 177 -2.19 25.92 -26.75
C THR B 177 -1.90 25.78 -25.25
N LEU B 178 -2.55 24.82 -24.60
CA LEU B 178 -2.27 24.55 -23.19
C LEU B 178 -0.81 24.17 -22.99
N LEU B 179 -0.26 23.34 -23.87
CA LEU B 179 1.16 22.99 -23.79
C LEU B 179 2.03 24.23 -23.87
N LYS B 180 1.74 25.11 -24.82
CA LYS B 180 2.48 26.37 -24.94
C LYS B 180 2.33 27.20 -23.67
N ASP B 181 1.10 27.36 -23.19
CA ASP B 181 0.85 28.16 -22.00
C ASP B 181 1.59 27.61 -20.78
N ILE B 182 1.80 26.29 -20.73
CA ILE B 182 2.54 25.71 -19.61
C ILE B 182 4.01 26.08 -19.69
N ARG B 183 4.60 26.04 -20.89
CA ARG B 183 6.02 26.34 -21.04
C ARG B 183 6.34 27.78 -20.65
N SER B 184 5.40 28.70 -20.86
CA SER B 184 5.67 30.10 -20.57
C SER B 184 5.74 30.38 -19.08
N VAL B 185 4.82 29.79 -18.30
CA VAL B 185 4.69 30.14 -16.89
C VAL B 185 5.18 29.01 -15.99
N LEU B 186 6.12 28.22 -16.49
CA LEU B 186 6.80 27.21 -15.67
C LEU B 186 8.13 27.76 -15.19
N GLU B 187 8.42 27.56 -13.90
CA GLU B 187 9.68 27.98 -13.31
C GLU B 187 10.82 27.28 -14.05
N PRO B 188 11.62 28.02 -14.82
CA PRO B 188 12.50 27.36 -15.79
C PRO B 188 13.69 26.64 -15.18
N THR B 189 14.17 27.06 -14.01
CA THR B 189 15.41 26.50 -13.49
C THR B 189 15.22 25.08 -12.98
N ARG B 190 14.14 24.84 -12.24
CA ARG B 190 13.90 23.54 -11.64
C ARG B 190 12.47 23.04 -11.81
N GLY B 191 11.61 23.76 -12.50
CA GLY B 191 10.22 23.38 -12.60
C GLY B 191 10.03 22.12 -13.43
N ARG B 192 9.18 21.23 -12.94
CA ARG B 192 8.79 20.02 -13.65
C ARG B 192 7.31 20.09 -14.03
N VAL B 193 6.95 19.34 -15.05
CA VAL B 193 5.57 19.26 -15.52
C VAL B 193 5.13 17.80 -15.45
N ILE B 194 4.01 17.56 -14.77
CA ILE B 194 3.44 16.23 -14.62
C ILE B 194 2.27 16.11 -15.58
N LEU B 195 2.40 15.23 -16.56
CA LEU B 195 1.40 15.06 -17.60
C LEU B 195 0.84 13.65 -17.57
N ALA B 196 -0.48 13.54 -17.56
CA ALA B 196 -1.18 12.28 -17.76
C ALA B 196 -2.00 12.36 -19.05
N LEU B 197 -2.16 11.21 -19.70
CA LEU B 197 -2.84 11.19 -20.99
C LEU B 197 -3.39 9.78 -21.23
N VAL B 198 -4.68 9.69 -21.52
CA VAL B 198 -5.33 8.41 -21.74
C VAL B 198 -5.04 7.95 -23.16
N LEU B 199 -4.45 6.76 -23.29
CA LEU B 199 -4.20 6.15 -24.58
C LEU B 199 -5.01 4.87 -24.71
N PRO B 200 -5.60 4.58 -25.88
CA PRO B 200 -5.55 5.32 -27.15
C PRO B 200 -6.14 6.73 -27.09
N PHE B 201 -5.37 7.70 -27.59
CA PHE B 201 -5.78 9.10 -27.59
C PHE B 201 -7.01 9.30 -28.46
N HIS B 202 -8.14 9.61 -27.82
CA HIS B 202 -9.41 9.85 -28.51
C HIS B 202 -10.03 11.10 -27.90
N PRO B 203 -9.67 12.27 -28.41
CA PRO B 203 -10.04 13.51 -27.74
C PRO B 203 -11.45 13.98 -28.10
N TYR B 204 -12.02 14.77 -27.18
CA TYR B 204 -13.24 15.51 -27.44
C TYR B 204 -13.36 16.58 -26.34
N VAL B 205 -14.40 17.40 -26.45
CA VAL B 205 -14.69 18.43 -25.46
C VAL B 205 -16.07 18.13 -24.88
N GLU B 206 -16.13 17.92 -23.57
CA GLU B 206 -17.38 17.53 -22.93
C GLU B 206 -18.35 18.70 -22.91
N ASN B 207 -19.60 18.43 -23.29
CA ASN B 207 -20.69 19.39 -23.22
C ASN B 207 -21.76 18.84 -22.29
N VAL B 208 -22.90 19.54 -22.25
CA VAL B 208 -23.98 19.20 -21.34
C VAL B 208 -24.94 18.22 -22.01
N GLY B 209 -25.23 17.12 -21.32
CA GLY B 209 -26.25 16.19 -21.78
C GLY B 209 -25.72 15.03 -22.60
N GLY B 210 -24.54 14.53 -22.24
CA GLY B 210 -23.96 13.42 -23.00
C GLY B 210 -23.53 13.77 -24.40
N LYS B 211 -23.49 15.06 -24.75
CA LYS B 211 -23.04 15.50 -26.06
C LYS B 211 -21.56 15.91 -25.97
N TRP B 212 -21.01 16.36 -27.09
CA TRP B 212 -19.60 16.69 -27.14
C TRP B 212 -19.34 17.56 -28.36
N GLU B 213 -18.06 17.86 -28.61
CA GLU B 213 -17.62 18.63 -29.76
C GLU B 213 -16.13 18.41 -29.92
N LYS B 214 -15.67 18.36 -31.17
CA LYS B 214 -14.26 18.09 -31.44
C LYS B 214 -13.41 19.26 -30.96
N PRO B 215 -12.20 19.00 -30.45
CA PRO B 215 -11.34 20.09 -30.00
C PRO B 215 -10.90 20.96 -31.17
N SER B 216 -10.75 22.26 -30.90
CA SER B 216 -10.29 23.18 -31.93
C SER B 216 -8.90 22.82 -32.44
N GLU B 217 -8.09 22.20 -31.59
CA GLU B 217 -6.73 21.81 -31.96
C GLU B 217 -6.58 20.30 -31.83
N ILE B 218 -5.71 19.73 -32.66
CA ILE B 218 -5.44 18.31 -32.69
C ILE B 218 -3.94 18.10 -32.48
N LEU B 219 -3.60 17.11 -31.67
CA LEU B 219 -2.20 16.80 -31.38
C LEU B 219 -1.71 15.66 -32.26
N GLU B 220 -0.41 15.69 -32.59
CA GLU B 220 0.20 14.72 -33.49
C GLU B 220 0.53 13.43 -32.75
N ILE B 221 -0.51 12.77 -32.25
CA ILE B 221 -0.38 11.53 -31.51
C ILE B 221 -0.70 10.41 -32.50
N LYS B 222 0.33 9.90 -33.16
CA LYS B 222 0.21 8.81 -34.12
C LYS B 222 0.88 7.57 -33.53
N GLY B 223 0.08 6.56 -33.23
CA GLY B 223 0.59 5.34 -32.64
C GLY B 223 -0.52 4.32 -32.55
N GLN B 224 -0.11 3.07 -32.40
CA GLN B 224 -1.06 1.97 -32.52
C GLN B 224 -1.20 1.16 -31.24
N ASN B 225 -0.10 0.80 -30.60
CA ASN B 225 -0.16 0.25 -29.25
C ASN B 225 0.17 1.36 -28.26
N TRP B 226 0.13 1.03 -26.97
CA TRP B 226 0.50 2.01 -25.95
C TRP B 226 1.91 2.54 -26.18
N GLU B 227 2.84 1.65 -26.53
CA GLU B 227 4.23 2.06 -26.74
C GLU B 227 4.37 2.93 -27.98
N GLU B 228 3.59 2.65 -29.02
CA GLU B 228 3.73 3.40 -30.27
C GLU B 228 3.18 4.81 -30.14
N GLN B 229 2.07 4.98 -29.40
CA GLN B 229 1.54 6.32 -29.18
C GLN B 229 2.50 7.16 -28.33
N VAL B 230 3.17 6.52 -27.38
CA VAL B 230 4.17 7.23 -26.57
C VAL B 230 5.40 7.56 -27.41
N ASN B 231 5.66 6.78 -28.46
CA ASN B 231 6.82 7.04 -29.31
C ASN B 231 6.74 8.42 -29.97
N SER B 232 5.55 8.81 -30.41
CA SER B 232 5.37 10.08 -31.11
C SER B 232 5.20 11.27 -30.17
N LEU B 233 5.22 11.05 -28.85
CA LEU B 233 4.97 12.11 -27.88
C LEU B 233 6.17 13.04 -27.66
N PRO B 234 7.41 12.54 -27.60
CA PRO B 234 8.55 13.47 -27.50
C PRO B 234 8.54 14.56 -28.55
N GLU B 235 8.11 14.24 -29.79
CA GLU B 235 7.97 15.26 -30.81
C GLU B 235 6.96 16.33 -30.39
N VAL B 236 5.80 15.89 -29.88
CA VAL B 236 4.77 16.85 -29.48
C VAL B 236 5.25 17.70 -28.31
N PHE B 237 5.93 17.09 -27.34
CA PHE B 237 6.45 17.84 -26.21
C PHE B 237 7.61 18.74 -26.63
N ARG B 238 8.45 18.26 -27.56
CA ARG B 238 9.50 19.10 -28.11
C ARG B 238 8.94 20.32 -28.81
N LYS B 239 7.75 20.19 -29.41
CA LYS B 239 7.10 21.33 -30.03
C LYS B 239 6.75 22.39 -29.01
N ALA B 240 6.50 22.00 -27.77
CA ALA B 240 6.19 22.92 -26.68
C ALA B 240 7.40 23.26 -25.83
N GLY B 241 8.59 22.80 -26.20
CA GLY B 241 9.77 23.06 -25.42
C GLY B 241 9.94 22.16 -24.22
N PHE B 242 9.60 20.88 -24.35
CA PHE B 242 9.69 19.93 -23.25
C PHE B 242 10.36 18.65 -23.73
N VAL B 243 11.17 18.06 -22.86
CA VAL B 243 11.74 16.74 -23.07
C VAL B 243 11.29 15.84 -21.93
N ILE B 244 11.24 14.54 -22.19
CA ILE B 244 10.73 13.58 -21.24
C ILE B 244 11.84 13.18 -20.27
N GLU B 245 11.66 13.53 -19.00
CA GLU B 245 12.61 13.19 -17.95
C GLU B 245 12.35 11.81 -17.36
N ALA B 246 11.08 11.43 -17.23
CA ALA B 246 10.69 10.13 -16.71
C ALA B 246 9.22 9.91 -17.05
N PHE B 247 8.87 8.65 -17.28
CA PHE B 247 7.48 8.30 -17.58
C PHE B 247 7.23 6.85 -17.20
N THR B 248 5.93 6.51 -17.13
CA THR B 248 5.52 5.21 -16.63
C THR B 248 4.11 4.91 -17.13
N ARG B 249 3.71 3.66 -16.97
CA ARG B 249 2.37 3.18 -17.29
C ARG B 249 1.60 2.96 -16.00
N LEU B 250 0.47 3.64 -15.84
CA LEU B 250 -0.32 3.57 -14.63
C LEU B 250 -1.78 3.32 -14.98
N PRO B 251 -2.50 2.55 -14.16
CA PRO B 251 -3.94 2.38 -14.38
C PRO B 251 -4.71 3.61 -13.91
N TYR B 252 -5.53 4.15 -14.80
CA TYR B 252 -6.36 5.32 -14.50
C TYR B 252 -7.68 4.82 -13.94
N LEU B 253 -7.79 4.80 -12.61
CA LEU B 253 -8.92 4.17 -11.92
C LEU B 253 -9.99 5.20 -11.59
N CYS B 254 -11.15 4.68 -11.17
CA CYS B 254 -12.27 5.50 -10.77
C CYS B 254 -13.23 4.66 -9.93
N GLU B 255 -13.97 5.32 -9.06
CA GLU B 255 -14.88 4.63 -8.16
C GLU B 255 -16.07 4.06 -8.91
N GLY B 256 -16.41 2.81 -8.59
CA GLY B 256 -17.38 2.05 -9.36
C GLY B 256 -18.82 2.43 -9.12
N ASP B 257 -19.71 1.46 -9.27
CA ASP B 257 -21.14 1.73 -9.27
C ASP B 257 -21.89 0.49 -8.77
N MET B 258 -23.20 0.46 -9.02
CA MET B 258 -24.01 -0.69 -8.64
C MET B 258 -23.60 -1.95 -9.39
N TYR B 259 -23.08 -1.80 -10.61
CA TYR B 259 -22.75 -2.95 -11.45
C TYR B 259 -21.27 -3.31 -11.42
N ASN B 260 -20.39 -2.37 -11.10
CA ASN B 260 -18.95 -2.63 -11.08
C ASN B 260 -18.32 -1.89 -9.91
N ASP B 261 -17.19 -2.42 -9.44
CA ASP B 261 -16.51 -1.86 -8.27
C ASP B 261 -15.53 -0.75 -8.62
N TYR B 262 -14.91 -0.82 -9.79
CA TYR B 262 -13.98 0.23 -10.20
C TYR B 262 -13.82 0.18 -11.72
N TYR B 263 -13.54 1.33 -12.31
CA TYR B 263 -13.34 1.46 -13.75
C TYR B 263 -11.89 1.84 -14.03
N VAL B 264 -11.29 1.16 -15.00
CA VAL B 264 -9.85 1.26 -15.26
C VAL B 264 -9.63 1.80 -16.66
N LEU B 265 -8.62 2.65 -16.81
CA LEU B 265 -8.14 3.11 -18.10
C LEU B 265 -6.62 3.01 -18.13
N ASP B 266 -6.06 3.17 -19.33
CA ASP B 266 -4.63 2.99 -19.58
C ASP B 266 -3.96 4.35 -19.69
N ASP B 267 -3.34 4.80 -18.60
CA ASP B 267 -2.70 6.11 -18.54
C ASP B 267 -1.21 6.00 -18.82
N ALA B 268 -0.70 6.92 -19.63
CA ALA B 268 0.73 7.15 -19.80
C ALA B 268 1.05 8.48 -19.14
N VAL B 269 1.82 8.43 -18.05
CA VAL B 269 2.13 9.60 -17.24
C VAL B 269 3.58 9.99 -17.48
N PHE B 270 3.83 11.29 -17.64
CA PHE B 270 5.13 11.81 -18.02
C PHE B 270 5.56 12.92 -17.08
N VAL B 271 6.80 12.86 -16.62
CA VAL B 271 7.45 13.97 -15.92
C VAL B 271 8.35 14.68 -16.92
N LEU B 272 8.11 15.98 -17.11
CA LEU B 272 8.81 16.75 -18.12
C LEU B 272 9.63 17.87 -17.47
N LYS B 273 10.66 18.29 -18.18
CA LYS B 273 11.46 19.45 -17.81
C LYS B 273 11.61 20.36 -19.02
N PRO B 274 11.64 21.67 -18.82
CA PRO B 274 11.74 22.59 -19.96
C PRO B 274 13.11 22.50 -20.62
N VAL B 275 13.10 22.50 -21.95
CA VAL B 275 14.35 22.50 -22.70
C VAL B 275 14.54 23.86 -23.37
N HIS C 3 -0.94 -24.89 31.91
CA HIS C 3 -0.33 -25.54 30.76
C HIS C 3 0.18 -24.45 29.81
N GLY C 4 -0.42 -23.27 29.89
CA GLY C 4 0.23 -22.03 29.50
C GLY C 4 0.01 -21.63 28.06
N HIS C 5 0.23 -20.34 27.82
CA HIS C 5 0.29 -19.79 26.46
C HIS C 5 1.60 -20.19 25.82
N SER C 6 1.55 -20.53 24.53
CA SER C 6 2.76 -21.01 23.86
C SER C 6 3.61 -19.86 23.33
N HIS C 7 3.89 -18.88 24.19
CA HIS C 7 4.89 -17.87 23.90
C HIS C 7 5.69 -17.48 25.13
N GLY C 8 5.37 -18.03 26.29
CA GLY C 8 6.04 -17.66 27.53
C GLY C 8 5.34 -16.55 28.28
N GLY D 2 -22.82 0.37 -16.41
CA GLY D 2 -24.05 1.00 -15.96
C GLY D 2 -23.86 2.44 -15.53
N HIS D 3 -22.66 2.74 -15.04
CA HIS D 3 -22.27 4.09 -14.67
C HIS D 3 -20.89 4.35 -15.24
N GLY D 4 -20.73 5.47 -15.93
CA GLY D 4 -19.51 5.69 -16.69
C GLY D 4 -18.28 5.83 -15.81
N HIS D 5 -17.13 5.60 -16.44
CA HIS D 5 -15.86 5.96 -15.84
C HIS D 5 -15.74 7.48 -15.89
N SER D 6 -15.68 8.11 -14.71
CA SER D 6 -15.86 9.56 -14.54
C SER D 6 -15.22 10.39 -15.64
N HIS D 7 -14.04 9.98 -16.09
CA HIS D 7 -13.41 10.64 -17.23
C HIS D 7 -14.28 10.52 -18.48
N GLY D 8 -14.53 9.29 -18.92
CA GLY D 8 -15.36 9.07 -20.09
C GLY D 8 -14.67 8.23 -21.16
#